data_6Z1N
#
_entry.id   6Z1N
#
_cell.length_a   184.074
_cell.length_b   184.074
_cell.length_c   112.593
_cell.angle_alpha   90.00
_cell.angle_beta   90.00
_cell.angle_gamma   120.00
#
_symmetry.space_group_name_H-M   'H 3 2'
#
loop_
_entity.id
_entity.type
_entity.pdbx_description
1 polymer 'Dehydrodolichyl diphosphate synthase complex subunit DHDDS'
2 polymer 'Dehydrodolichyl diphosphate synthase complex subunit NUS1'
3 non-polymer 'FARNESYL DIPHOSPHATE'
4 non-polymer 'PHOSPHATE ION'
5 non-polymer 'MAGNESIUM ION'
6 water water
#
loop_
_entity_poly.entity_id
_entity_poly.type
_entity_poly.pdbx_seq_one_letter_code
_entity_poly.pdbx_strand_id
1 'polypeptide(L)'
;GSGSGSGMSWIKEGELSLWERFCANIIKAGPMPKHIAFIMDGNRRYAKKCQVERQEGHSQGFNKLAETLRWCLNLGILEV
TVYAFSIENFKRSKSEVDGLMDLARQKFSRLMEEKEKLQKHGVCIRVLGDLHLLPLDLQELIAQAVQATKNYNKCFLNVC
FAYTSRHEISNAVREMAWGVEQGLLDPSDISESLLDKCLYTNRSPHPDILIRTSGEVRLSDFLLWQTSHSCLVFQPVLWP
EYTFWNLFEAILQFQMNHSVLQKARDMYAEERKRQQLERDQATVTEQLLREGLQASGDAQLRRTRLHKLSARREERVQGF
LQALELKRADWLARLGTASA
;
A
2 'polypeptide(L)'
;GSGSGSGRGGSCLAAAHHRMRWRADGRSLEKLPVHMGLVITEVEQEPSFSDIASLVVWCMAVGISYISVYDHQGIFKRNN
SRLMDEILKQQQELLGLDCSKDKDDQVLNCHLAVKVLSPEDGKADIVRAAQDFCQLVAQKQKRPTDLDVDTLASLLSSNG
CPDPDLVLKFGPVDSTLGFLPWHIRLTEIVSLPSHLNISYEDFFSALRQYAACEQRLGK
;
B
#
# COMPACT_ATOMS: atom_id res chain seq x y z
N GLY A 5 1.54 30.05 -21.00
CA GLY A 5 2.12 28.87 -21.62
C GLY A 5 1.09 27.99 -22.28
N SER A 6 -0.17 28.49 -22.32
CA SER A 6 -1.27 27.78 -22.95
C SER A 6 -1.44 26.37 -22.39
N GLY A 7 -1.07 25.36 -23.18
CA GLY A 7 -1.23 23.99 -22.76
C GLY A 7 -0.20 23.02 -23.30
N MET A 8 0.42 22.27 -22.40
CA MET A 8 1.27 21.15 -22.79
C MET A 8 0.37 19.99 -23.24
N SER A 9 0.99 18.88 -23.65
CA SER A 9 0.24 17.71 -24.08
C SER A 9 0.22 16.60 -23.04
N TRP A 10 0.63 16.88 -21.80
CA TRP A 10 0.65 15.86 -20.75
C TRP A 10 -0.22 16.15 -19.52
N ILE A 11 -1.14 17.11 -19.53
CA ILE A 11 -1.47 18.00 -20.63
C ILE A 11 -2.13 19.24 -20.01
N LYS A 12 -2.33 20.26 -20.83
CA LYS A 12 -2.94 21.52 -20.40
C LYS A 12 -4.47 21.45 -20.25
N GLU A 13 -5.05 22.50 -19.66
CA GLU A 13 -6.49 22.56 -19.47
C GLU A 13 -7.06 23.96 -19.28
N GLY A 14 -8.38 24.06 -19.38
CA GLY A 14 -9.13 25.29 -19.17
C GLY A 14 -9.40 25.47 -17.70
N GLU A 15 -9.96 26.62 -17.29
CA GLU A 15 -10.26 26.82 -15.89
C GLU A 15 -11.52 26.04 -15.51
N LEU A 16 -11.79 25.98 -14.21
CA LEU A 16 -12.99 25.33 -13.74
C LEU A 16 -14.23 26.14 -14.14
N SER A 17 -15.32 25.43 -14.41
CA SER A 17 -16.59 26.09 -14.66
C SER A 17 -17.10 26.73 -13.36
N LEU A 18 -18.22 27.45 -13.46
CA LEU A 18 -18.78 28.15 -12.30
C LEU A 18 -19.12 27.17 -11.17
N TRP A 19 -19.85 26.10 -11.49
CA TRP A 19 -20.22 25.16 -10.44
C TRP A 19 -19.01 24.44 -9.87
N GLU A 20 -18.07 24.05 -10.74
CA GLU A 20 -16.87 23.38 -10.25
C GLU A 20 -16.05 24.32 -9.37
N ARG A 21 -15.90 25.56 -9.81
CA ARG A 21 -15.15 26.56 -9.06
C ARG A 21 -15.80 26.84 -7.70
N PHE A 22 -17.14 26.95 -7.68
CA PHE A 22 -17.86 27.17 -6.43
C PHE A 22 -17.64 26.03 -5.44
N CYS A 23 -17.86 24.79 -5.88
CA CYS A 23 -17.67 23.64 -4.98
C CYS A 23 -16.23 23.55 -4.50
N ALA A 24 -15.28 23.85 -5.39
CA ALA A 24 -13.86 23.87 -5.03
C ALA A 24 -13.60 24.82 -3.89
N ASN A 25 -14.12 26.05 -3.98
CA ASN A 25 -13.93 27.02 -2.90
C ASN A 25 -14.56 26.54 -1.60
N ILE A 26 -15.64 25.77 -1.67
CA ILE A 26 -16.27 25.26 -0.45
C ILE A 26 -15.37 24.22 0.22
N ILE A 27 -14.94 23.21 -0.54
CA ILE A 27 -14.13 22.16 0.07
C ILE A 27 -12.73 22.64 0.40
N LYS A 28 -12.24 23.68 -0.27
CA LYS A 28 -10.93 24.23 0.10
C LYS A 28 -10.95 24.92 1.45
N ALA A 29 -12.11 25.11 2.07
CA ALA A 29 -12.15 25.62 3.43
C ALA A 29 -11.79 24.55 4.45
N GLY A 30 -11.84 23.27 4.07
CA GLY A 30 -11.45 22.19 4.95
C GLY A 30 -10.13 21.57 4.51
N PRO A 31 -9.74 20.47 5.15
CA PRO A 31 -8.48 19.82 4.77
C PRO A 31 -8.50 19.38 3.31
N MET A 32 -7.41 19.68 2.61
CA MET A 32 -7.29 19.27 1.22
C MET A 32 -6.15 18.28 1.07
N PRO A 33 -6.28 17.30 0.17
CA PRO A 33 -5.17 16.39 -0.07
C PRO A 33 -4.03 17.12 -0.78
N LYS A 34 -2.80 16.77 -0.40
CA LYS A 34 -1.63 17.27 -1.11
C LYS A 34 -1.17 16.33 -2.22
N HIS A 35 -1.61 15.07 -2.19
CA HIS A 35 -1.12 14.05 -3.10
C HIS A 35 -2.23 13.03 -3.31
N ILE A 36 -2.61 12.80 -4.56
CA ILE A 36 -3.63 11.83 -4.92
C ILE A 36 -3.01 10.80 -5.85
N ALA A 37 -3.35 9.54 -5.66
CA ALA A 37 -2.85 8.44 -6.47
C ALA A 37 -4.02 7.75 -7.16
N PHE A 38 -3.87 7.49 -8.46
CA PHE A 38 -4.92 6.92 -9.30
C PHE A 38 -4.50 5.57 -9.86
N ILE A 39 -5.38 4.58 -9.73
CA ILE A 39 -5.31 3.35 -10.52
C ILE A 39 -6.28 3.54 -11.69
N MET A 40 -5.74 3.80 -12.88
CA MET A 40 -6.53 4.17 -14.05
C MET A 40 -7.05 2.90 -14.73
N ASP A 41 -8.21 2.44 -14.30
CA ASP A 41 -8.72 1.14 -14.70
C ASP A 41 -10.00 1.27 -15.53
N GLY A 42 -10.21 0.32 -16.45
CA GLY A 42 -11.42 0.24 -17.24
C GLY A 42 -11.32 0.73 -18.67
N ASN A 43 -10.10 0.93 -19.19
CA ASN A 43 -9.93 1.43 -20.56
C ASN A 43 -10.53 0.47 -21.58
N ARG A 44 -10.29 -0.84 -21.42
CA ARG A 44 -10.74 -1.79 -22.42
C ARG A 44 -12.25 -1.95 -22.41
N ARG A 45 -12.85 -2.04 -21.22
CA ARG A 45 -14.31 -2.09 -21.12
C ARG A 45 -14.93 -0.87 -21.76
N TYR A 46 -14.29 0.30 -21.59
CA TYR A 46 -14.78 1.53 -22.20
C TYR A 46 -14.71 1.46 -23.71
N ALA A 47 -13.62 0.90 -24.25
CA ALA A 47 -13.52 0.72 -25.70
C ALA A 47 -14.65 -0.16 -26.22
N LYS A 48 -14.91 -1.28 -25.54
CA LYS A 48 -16.01 -2.15 -25.94
C LYS A 48 -17.35 -1.45 -25.81
N LYS A 49 -17.48 -0.57 -24.81
CA LYS A 49 -18.72 0.16 -24.61
C LYS A 49 -18.98 1.16 -25.74
N CYS A 50 -17.92 1.83 -26.21
CA CYS A 50 -18.04 2.83 -27.25
C CYS A 50 -17.80 2.29 -28.65
N GLN A 51 -17.67 0.97 -28.82
CA GLN A 51 -17.43 0.36 -30.14
C GLN A 51 -16.21 0.97 -30.81
N VAL A 52 -15.15 1.16 -30.02
CA VAL A 52 -13.85 1.63 -30.51
C VAL A 52 -12.84 0.52 -30.26
N GLU A 53 -11.68 0.65 -30.90
CA GLU A 53 -10.66 -0.37 -30.73
C GLU A 53 -9.90 -0.14 -29.43
N ARG A 54 -9.35 -1.24 -28.89
CA ARG A 54 -8.72 -1.18 -27.58
C ARG A 54 -7.68 -0.08 -27.49
N GLN A 55 -6.88 0.08 -28.55
CA GLN A 55 -5.89 1.16 -28.57
C GLN A 55 -6.54 2.53 -28.40
N GLU A 56 -7.76 2.70 -28.91
CA GLU A 56 -8.46 3.97 -28.74
C GLU A 56 -8.87 4.19 -27.29
N GLY A 57 -9.27 3.12 -26.60
CA GLY A 57 -9.53 3.24 -25.17
C GLY A 57 -8.31 3.70 -24.39
N HIS A 58 -7.15 3.11 -24.65
CA HIS A 58 -5.96 3.50 -23.92
C HIS A 58 -5.55 4.93 -24.23
N SER A 59 -5.69 5.34 -25.50
CA SER A 59 -5.35 6.71 -25.87
C SER A 59 -6.33 7.71 -25.25
N GLN A 60 -7.62 7.38 -25.25
CA GLN A 60 -8.58 8.19 -24.49
C GLN A 60 -8.22 8.21 -23.01
N GLY A 61 -7.78 7.08 -22.47
CA GLY A 61 -7.36 7.03 -21.08
C GLY A 61 -6.20 7.97 -20.80
N PHE A 62 -5.28 8.11 -21.75
CA PHE A 62 -4.21 9.09 -21.56
C PHE A 62 -4.77 10.51 -21.55
N ASN A 63 -5.71 10.80 -22.45
CA ASN A 63 -6.35 12.12 -22.47
C ASN A 63 -6.99 12.43 -21.13
N LYS A 64 -7.61 11.43 -20.49
CA LYS A 64 -8.24 11.68 -19.19
C LYS A 64 -7.20 11.96 -18.13
N LEU A 65 -6.05 11.28 -18.19
CA LEU A 65 -4.96 11.60 -17.25
C LEU A 65 -4.56 13.06 -17.35
N ALA A 66 -4.40 13.56 -18.58
CA ALA A 66 -4.04 14.96 -18.77
C ALA A 66 -5.15 15.89 -18.28
N GLU A 67 -6.40 15.51 -18.52
CA GLU A 67 -7.52 16.30 -18.01
C GLU A 67 -7.58 16.24 -16.49
N THR A 68 -7.42 15.06 -15.90
CA THR A 68 -7.52 14.93 -14.44
C THR A 68 -6.39 15.68 -13.74
N LEU A 69 -5.19 15.62 -14.30
CA LEU A 69 -4.07 16.39 -13.75
C LEU A 69 -4.36 17.89 -13.79
N ARG A 70 -5.07 18.37 -14.80
CA ARG A 70 -5.46 19.77 -14.83
C ARG A 70 -6.45 20.10 -13.71
N TRP A 71 -7.44 19.23 -13.50
CA TRP A 71 -8.38 19.43 -12.40
C TRP A 71 -7.67 19.53 -11.06
N CYS A 72 -6.70 18.63 -10.83
CA CYS A 72 -5.94 18.63 -9.58
C CYS A 72 -5.20 19.95 -9.39
N LEU A 73 -4.56 20.45 -10.45
CA LEU A 73 -3.86 21.72 -10.37
C LEU A 73 -4.83 22.85 -10.08
N ASN A 74 -5.99 22.85 -10.76
CA ASN A 74 -6.99 23.88 -10.52
C ASN A 74 -7.55 23.81 -9.11
N LEU A 75 -7.37 22.69 -8.41
CA LEU A 75 -7.79 22.54 -7.03
C LEU A 75 -6.65 22.76 -6.05
N GLY A 76 -5.45 23.06 -6.54
CA GLY A 76 -4.31 23.20 -5.66
C GLY A 76 -3.72 21.89 -5.17
N ILE A 77 -3.99 20.78 -5.85
CA ILE A 77 -3.42 19.49 -5.54
C ILE A 77 -2.23 19.30 -6.48
N LEU A 78 -1.01 19.46 -5.96
CA LEU A 78 0.16 19.65 -6.81
C LEU A 78 1.00 18.38 -7.03
N GLU A 79 0.61 17.24 -6.45
CA GLU A 79 1.32 15.98 -6.68
C GLU A 79 0.33 14.86 -6.98
N VAL A 80 0.55 14.17 -8.11
CA VAL A 80 -0.31 13.10 -8.58
C VAL A 80 0.54 11.90 -8.96
N THR A 81 0.08 10.71 -8.60
CA THR A 81 0.74 9.45 -8.96
C THR A 81 -0.29 8.57 -9.63
N VAL A 82 0.10 7.93 -10.75
CA VAL A 82 -0.82 7.16 -11.56
C VAL A 82 -0.20 5.81 -11.90
N TYR A 83 -1.03 4.77 -11.92
CA TYR A 83 -0.60 3.42 -12.30
C TYR A 83 -0.81 3.28 -13.80
N ALA A 84 0.25 3.47 -14.58
CA ALA A 84 0.13 3.45 -16.03
C ALA A 84 0.39 2.08 -16.63
N PHE A 85 1.28 1.28 -16.05
CA PHE A 85 1.59 -0.03 -16.62
C PHE A 85 2.20 -0.91 -15.55
N SER A 86 1.52 -2.00 -15.22
CA SER A 86 2.00 -2.95 -14.23
C SER A 86 2.94 -3.96 -14.88
N ILE A 87 3.87 -4.49 -14.08
CA ILE A 87 4.72 -5.58 -14.57
C ILE A 87 3.84 -6.74 -15.03
N GLU A 88 2.74 -6.98 -14.31
CA GLU A 88 1.80 -8.02 -14.70
C GLU A 88 1.22 -7.77 -16.09
N ASN A 89 1.11 -6.51 -16.50
CA ASN A 89 0.56 -6.20 -17.81
C ASN A 89 1.43 -6.70 -18.94
N PHE A 90 2.70 -7.02 -18.68
CA PHE A 90 3.51 -7.69 -19.68
C PHE A 90 2.91 -9.02 -20.10
N LYS A 91 2.02 -9.59 -19.29
CA LYS A 91 1.37 -10.84 -19.65
C LYS A 91 0.27 -10.66 -20.70
N ARG A 92 -0.07 -9.43 -21.05
CA ARG A 92 -1.07 -9.21 -22.07
C ARG A 92 -0.51 -9.53 -23.46
N SER A 93 -1.39 -9.51 -24.46
CA SER A 93 -1.00 -9.90 -25.80
C SER A 93 0.00 -8.91 -26.40
N LYS A 94 0.92 -9.44 -27.20
CA LYS A 94 1.93 -8.62 -27.85
C LYS A 94 1.31 -7.42 -28.56
N SER A 95 0.18 -7.66 -29.23
CA SER A 95 -0.52 -6.57 -29.93
C SER A 95 -0.94 -5.48 -28.97
N GLU A 96 -1.40 -5.86 -27.77
CA GLU A 96 -1.83 -4.84 -26.82
C GLU A 96 -0.63 -4.20 -26.13
N VAL A 97 0.37 -5.01 -25.77
CA VAL A 97 1.57 -4.49 -25.11
C VAL A 97 2.30 -3.51 -26.03
N ASP A 98 2.50 -3.90 -27.29
CA ASP A 98 3.09 -2.98 -28.27
C ASP A 98 2.27 -1.70 -28.41
N GLY A 99 0.94 -1.82 -28.45
CA GLY A 99 0.12 -0.62 -28.52
C GLY A 99 0.33 0.30 -27.33
N LEU A 100 0.52 -0.28 -26.15
CA LEU A 100 0.79 0.54 -24.97
C LEU A 100 2.21 1.12 -25.02
N MET A 101 3.20 0.33 -25.47
CA MET A 101 4.54 0.87 -25.61
C MET A 101 4.59 2.00 -26.62
N ASP A 102 3.88 1.85 -27.75
CA ASP A 102 3.89 2.90 -28.77
C ASP A 102 3.23 4.17 -28.25
N LEU A 103 2.15 4.02 -27.48
CA LEU A 103 1.53 5.18 -26.83
C LEU A 103 2.55 5.89 -25.94
N ALA A 104 3.24 5.13 -25.10
CA ALA A 104 4.22 5.72 -24.20
C ALA A 104 5.36 6.37 -24.98
N ARG A 105 5.80 5.75 -26.08
CA ARG A 105 6.78 6.40 -26.94
C ARG A 105 6.26 7.72 -27.47
N GLN A 106 4.96 7.78 -27.78
CA GLN A 106 4.39 8.95 -28.41
C GLN A 106 4.09 10.05 -27.40
N LYS A 107 3.66 9.69 -26.20
CA LYS A 107 3.35 10.71 -25.20
C LYS A 107 4.62 11.26 -24.57
N PHE A 108 5.51 10.37 -24.10
CA PHE A 108 6.90 10.79 -24.00
C PHE A 108 7.32 11.21 -25.40
N SER A 109 8.53 11.76 -25.56
CA SER A 109 8.90 12.28 -26.87
C SER A 109 8.07 13.53 -27.19
N ARG A 110 6.75 13.50 -26.98
CA ARG A 110 6.01 14.76 -26.98
C ARG A 110 6.26 15.55 -25.71
N LEU A 111 6.77 14.92 -24.65
CA LEU A 111 7.24 15.69 -23.48
C LEU A 111 8.37 16.62 -23.87
N MET A 112 9.44 16.08 -24.46
CA MET A 112 10.30 16.90 -25.28
C MET A 112 9.47 17.43 -26.45
N GLU A 113 9.98 18.47 -27.12
CA GLU A 113 9.18 19.28 -28.06
C GLU A 113 8.31 20.22 -27.25
N GLU A 114 7.81 19.75 -26.11
CA GLU A 114 7.10 20.59 -25.15
C GLU A 114 7.95 20.99 -23.97
N LYS A 115 9.26 20.69 -24.02
CA LYS A 115 10.18 21.28 -23.07
C LYS A 115 10.05 22.81 -23.10
N GLU A 116 10.66 23.46 -22.12
CA GLU A 116 10.50 24.89 -21.86
C GLU A 116 9.09 25.18 -21.36
N LYS A 117 8.06 24.63 -22.02
CA LYS A 117 6.71 24.73 -21.47
C LYS A 117 6.61 23.96 -20.16
N LEU A 118 7.32 22.85 -20.04
CA LEU A 118 7.39 22.17 -18.74
C LEU A 118 8.24 22.97 -17.75
N GLN A 119 9.32 23.57 -18.23
CA GLN A 119 10.17 24.38 -17.37
C GLN A 119 9.49 25.68 -16.99
N LYS A 120 8.63 26.21 -17.87
CA LYS A 120 7.92 27.44 -17.54
C LYS A 120 6.93 27.24 -16.40
N HIS A 121 6.35 26.05 -16.29
CA HIS A 121 5.36 25.76 -15.27
C HIS A 121 5.89 24.87 -14.15
N GLY A 122 7.19 24.59 -14.13
CA GLY A 122 7.78 23.82 -13.05
C GLY A 122 7.19 22.43 -12.86
N VAL A 123 6.99 21.71 -13.96
CA VAL A 123 6.37 20.39 -13.93
C VAL A 123 7.46 19.35 -13.79
N CYS A 124 7.50 18.66 -12.65
CA CYS A 124 8.44 17.56 -12.46
C CYS A 124 7.78 16.25 -12.87
N ILE A 125 8.41 15.54 -13.79
CA ILE A 125 7.93 14.25 -14.26
C ILE A 125 8.86 13.19 -13.70
N ARG A 126 8.31 12.28 -12.92
CA ARG A 126 9.05 11.13 -12.42
C ARG A 126 8.38 9.88 -12.94
N VAL A 127 9.19 8.87 -13.29
CA VAL A 127 8.69 7.61 -13.80
C VAL A 127 9.27 6.51 -12.94
N LEU A 128 8.40 5.73 -12.31
CA LEU A 128 8.77 4.79 -11.27
C LEU A 128 8.42 3.38 -11.69
N GLY A 129 9.37 2.48 -11.55
CA GLY A 129 9.16 1.08 -11.88
C GLY A 129 10.49 0.38 -12.07
N ASP A 130 10.39 -0.90 -12.45
CA ASP A 130 11.58 -1.66 -12.85
C ASP A 130 11.77 -1.41 -14.34
N LEU A 131 12.31 -0.23 -14.65
CA LEU A 131 12.34 0.29 -16.01
C LEU A 131 13.29 -0.49 -16.92
N HIS A 132 14.16 -1.34 -16.39
CA HIS A 132 14.98 -2.19 -17.25
C HIS A 132 14.15 -3.22 -18.02
N LEU A 133 12.87 -3.38 -17.69
CA LEU A 133 12.03 -4.32 -18.42
C LEU A 133 11.41 -3.70 -19.66
N LEU A 134 11.52 -2.39 -19.83
CA LEU A 134 10.94 -1.68 -20.95
C LEU A 134 11.90 -1.69 -22.13
N PRO A 135 11.37 -1.51 -23.35
CA PRO A 135 12.25 -1.39 -24.53
C PRO A 135 13.29 -0.30 -24.32
N LEU A 136 14.49 -0.55 -24.86
CA LEU A 136 15.61 0.35 -24.60
C LEU A 136 15.30 1.77 -25.05
N ASP A 137 14.69 1.93 -26.23
CA ASP A 137 14.39 3.26 -26.73
C ASP A 137 13.39 3.98 -25.81
N LEU A 138 12.38 3.26 -25.35
CA LEU A 138 11.44 3.86 -24.40
C LEU A 138 12.15 4.28 -23.12
N GLN A 139 13.12 3.48 -22.68
CA GLN A 139 13.91 3.84 -21.51
C GLN A 139 14.64 5.16 -21.72
N GLU A 140 15.23 5.36 -22.90
CA GLU A 140 15.99 6.56 -23.15
C GLU A 140 15.07 7.78 -23.25
N LEU A 141 13.91 7.63 -23.89
CA LEU A 141 12.94 8.73 -23.89
C LEU A 141 12.50 9.06 -22.48
N ILE A 142 12.21 8.03 -21.68
CA ILE A 142 11.84 8.24 -20.28
C ILE A 142 12.94 8.98 -19.54
N ALA A 143 14.18 8.50 -19.67
CA ALA A 143 15.29 9.11 -18.95
C ALA A 143 15.47 10.57 -19.32
N GLN A 144 15.38 10.90 -20.60
CA GLN A 144 15.49 12.29 -21.02
C GLN A 144 14.43 13.16 -20.36
N ALA A 145 13.17 12.71 -20.39
CA ALA A 145 12.10 13.48 -19.77
C ALA A 145 12.32 13.64 -18.27
N VAL A 146 12.73 12.57 -17.59
CA VAL A 146 12.97 12.66 -16.16
C VAL A 146 14.16 13.57 -15.87
N GLN A 147 15.24 13.43 -16.64
CA GLN A 147 16.41 14.27 -16.42
C GLN A 147 16.12 15.73 -16.72
N ALA A 148 15.28 15.99 -17.73
CA ALA A 148 15.02 17.37 -18.13
C ALA A 148 14.19 18.10 -17.07
N THR A 149 13.18 17.44 -16.52
CA THR A 149 12.24 18.08 -15.61
C THR A 149 12.64 17.95 -14.15
N LYS A 150 13.77 17.30 -13.85
CA LYS A 150 14.26 17.34 -12.49
C LYS A 150 14.58 18.79 -12.11
N ASN A 151 14.61 19.04 -10.80
CA ASN A 151 14.80 20.37 -10.23
C ASN A 151 13.62 21.29 -10.46
N TYR A 152 12.45 20.74 -10.81
CA TYR A 152 11.24 21.53 -10.98
C TYR A 152 10.34 21.30 -9.77
N ASN A 153 9.66 22.36 -9.35
CA ASN A 153 9.06 22.44 -8.03
C ASN A 153 7.57 22.68 -7.99
N LYS A 154 6.97 23.22 -9.06
CA LYS A 154 5.60 23.72 -8.94
C LYS A 154 4.59 22.60 -8.86
N CYS A 155 4.85 21.46 -9.52
CA CYS A 155 3.95 20.33 -9.43
C CYS A 155 4.67 19.07 -9.90
N PHE A 156 4.05 17.92 -9.62
CA PHE A 156 4.73 16.64 -9.64
C PHE A 156 3.79 15.56 -10.16
N LEU A 157 4.18 14.90 -11.26
CA LEU A 157 3.44 13.75 -11.78
C LEU A 157 4.36 12.54 -11.73
N ASN A 158 3.93 11.50 -11.03
CA ASN A 158 4.68 10.25 -10.91
C ASN A 158 3.96 9.21 -11.75
N VAL A 159 4.61 8.76 -12.81
CA VAL A 159 4.03 7.77 -13.73
C VAL A 159 4.62 6.41 -13.38
N CYS A 160 3.81 5.55 -12.78
CA CYS A 160 4.27 4.21 -12.42
C CYS A 160 4.14 3.33 -13.66
N PHE A 161 5.29 2.92 -14.20
CA PHE A 161 5.36 2.22 -15.48
C PHE A 161 6.27 1.02 -15.30
N ALA A 162 5.80 -0.14 -15.75
CA ALA A 162 6.45 -1.42 -15.44
C ALA A 162 6.71 -1.53 -13.94
N TYR A 163 5.69 -1.19 -13.16
CA TYR A 163 5.80 -1.09 -11.71
C TYR A 163 4.95 -2.15 -11.02
N THR A 164 5.47 -2.68 -9.92
CA THR A 164 4.63 -3.28 -8.87
C THR A 164 5.20 -2.86 -7.52
N SER A 165 4.33 -2.90 -6.52
CA SER A 165 4.72 -2.51 -5.18
C SER A 165 5.69 -3.51 -4.57
N ARG A 166 5.45 -4.81 -4.79
CA ARG A 166 6.35 -5.82 -4.23
C ARG A 166 7.75 -5.70 -4.82
N HIS A 167 7.85 -5.47 -6.13
CA HIS A 167 9.15 -5.21 -6.72
C HIS A 167 9.78 -3.94 -6.14
N GLU A 168 8.98 -2.91 -5.87
CA GLU A 168 9.53 -1.70 -5.27
C GLU A 168 10.04 -1.96 -3.86
N ILE A 169 9.25 -2.67 -3.04
CA ILE A 169 9.67 -2.91 -1.66
C ILE A 169 10.94 -3.76 -1.62
N SER A 170 11.00 -4.81 -2.43
CA SER A 170 12.18 -5.66 -2.42
C SER A 170 13.41 -4.92 -2.95
N ASN A 171 13.22 -3.97 -3.86
CA ASN A 171 14.34 -3.16 -4.30
C ASN A 171 14.83 -2.25 -3.18
N ALA A 172 13.91 -1.68 -2.41
CA ALA A 172 14.28 -0.85 -1.28
C ALA A 172 15.12 -1.63 -0.28
N VAL A 173 14.74 -2.89 -0.02
CA VAL A 173 15.55 -3.73 0.85
C VAL A 173 16.91 -4.01 0.22
N ARG A 174 16.93 -4.29 -1.08
CA ARG A 174 18.20 -4.50 -1.76
C ARG A 174 19.11 -3.28 -1.60
N GLU A 175 18.54 -2.07 -1.72
CA GLU A 175 19.36 -0.88 -1.56
C GLU A 175 19.95 -0.79 -0.15
N MET A 176 19.15 -1.14 0.87
CA MET A 176 19.65 -1.13 2.24
C MET A 176 20.67 -2.24 2.45
N ALA A 177 20.48 -3.38 1.78
CA ALA A 177 21.44 -4.47 1.87
C ALA A 177 22.78 -4.05 1.28
N TRP A 178 22.75 -3.42 0.10
CA TRP A 178 23.94 -2.81 -0.47
C TRP A 178 24.60 -1.85 0.51
N GLY A 179 23.81 -1.03 1.19
CA GLY A 179 24.37 -0.14 2.19
C GLY A 179 25.15 -0.89 3.26
N VAL A 180 24.57 -1.96 3.79
CA VAL A 180 25.27 -2.80 4.76
C VAL A 180 26.54 -3.38 4.14
N GLU A 181 26.41 -3.92 2.92
CA GLU A 181 27.56 -4.53 2.27
C GLU A 181 28.66 -3.50 2.02
N GLN A 182 28.29 -2.25 1.70
CA GLN A 182 29.27 -1.22 1.42
C GLN A 182 29.91 -0.66 2.68
N GLY A 183 29.39 -0.99 3.86
CA GLY A 183 29.88 -0.42 5.10
C GLY A 183 29.22 0.90 5.47
N LEU A 184 28.22 1.33 4.69
CA LEU A 184 27.50 2.58 4.99
C LEU A 184 26.41 2.38 6.01
N LEU A 185 26.01 1.13 6.26
CA LEU A 185 24.89 0.79 7.13
C LEU A 185 25.26 -0.36 8.05
N ASP A 186 24.70 -0.34 9.24
CA ASP A 186 24.65 -1.52 10.07
C ASP A 186 23.27 -2.14 9.98
N PRO A 187 23.16 -3.46 10.04
CA PRO A 187 21.83 -4.11 9.96
C PRO A 187 20.82 -3.55 10.95
N SER A 188 21.28 -3.13 12.13
CA SER A 188 20.38 -2.55 13.12
C SER A 188 19.83 -1.18 12.71
N ASP A 189 20.44 -0.54 11.70
CA ASP A 189 19.95 0.76 11.24
C ASP A 189 18.68 0.65 10.40
N ILE A 190 18.39 -0.53 9.85
CA ILE A 190 17.21 -0.68 9.01
C ILE A 190 15.97 -0.34 9.81
N SER A 191 15.10 0.47 9.20
CA SER A 191 13.92 0.98 9.88
C SER A 191 12.82 1.22 8.86
N GLU A 192 11.59 1.36 9.36
CA GLU A 192 10.49 1.76 8.51
C GLU A 192 10.78 3.09 7.84
N SER A 193 11.33 4.04 8.60
CA SER A 193 11.70 5.34 8.04
C SER A 193 12.74 5.20 6.96
N LEU A 194 13.78 4.39 7.20
CA LEU A 194 14.82 4.21 6.19
C LEU A 194 14.28 3.49 4.96
N LEU A 195 13.48 2.44 5.15
CA LEU A 195 12.92 1.75 4.00
C LEU A 195 12.11 2.71 3.15
N ASP A 196 11.39 3.64 3.79
CA ASP A 196 10.61 4.64 3.08
C ASP A 196 11.50 5.45 2.13
N LYS A 197 12.71 5.82 2.57
CA LYS A 197 13.58 6.63 1.73
C LYS A 197 14.30 5.83 0.66
N CYS A 198 14.08 4.52 0.61
CA CYS A 198 14.66 3.66 -0.41
C CYS A 198 13.65 3.25 -1.48
N LEU A 199 12.40 3.68 -1.34
CA LEU A 199 11.38 3.42 -2.35
C LEU A 199 11.58 4.32 -3.55
N TYR A 200 11.02 3.89 -4.68
CA TYR A 200 11.00 4.74 -5.87
C TYR A 200 10.33 6.08 -5.60
N THR A 201 9.36 6.10 -4.69
CA THR A 201 8.55 7.28 -4.37
C THR A 201 9.17 8.13 -3.27
N ASN A 202 10.47 7.97 -2.98
CA ASN A 202 11.01 8.57 -1.76
C ASN A 202 11.08 10.09 -1.81
N ARG A 203 10.91 10.72 -2.97
CA ARG A 203 10.78 12.17 -3.04
C ARG A 203 9.35 12.65 -2.88
N SER A 204 8.39 11.75 -2.61
CA SER A 204 6.99 12.10 -2.47
C SER A 204 6.47 11.73 -1.09
N PRO A 205 5.65 12.59 -0.48
CA PRO A 205 4.89 12.14 0.70
C PRO A 205 3.88 11.08 0.28
N HIS A 206 3.50 10.26 1.26
CA HIS A 206 2.52 9.22 0.99
C HIS A 206 1.22 9.82 0.48
N PRO A 207 0.52 9.12 -0.41
CA PRO A 207 -0.74 9.67 -0.95
C PRO A 207 -1.75 9.91 0.15
N ASP A 208 -2.48 11.04 0.02
CA ASP A 208 -3.63 11.26 0.89
C ASP A 208 -4.82 10.42 0.44
N ILE A 209 -4.97 10.24 -0.88
CA ILE A 209 -6.06 9.49 -1.46
C ILE A 209 -5.51 8.49 -2.46
N LEU A 210 -6.08 7.29 -2.46
CA LEU A 210 -5.88 6.30 -3.51
C LEU A 210 -7.23 6.05 -4.18
N ILE A 211 -7.32 6.33 -5.47
CA ILE A 211 -8.55 6.16 -6.25
C ILE A 211 -8.34 5.04 -7.25
N ARG A 212 -9.29 4.10 -7.31
CA ARG A 212 -9.30 3.09 -8.36
C ARG A 212 -10.65 3.11 -9.06
N THR A 213 -10.62 3.26 -10.38
CA THR A 213 -11.85 3.31 -11.17
C THR A 213 -12.28 1.90 -11.60
N SER A 214 -13.43 1.84 -12.28
CA SER A 214 -14.17 0.63 -12.61
C SER A 214 -14.62 -0.04 -11.32
N GLY A 215 -15.31 -1.17 -11.40
CA GLY A 215 -15.81 -1.61 -10.12
C GLY A 215 -14.86 -2.39 -9.23
N GLU A 216 -13.56 -2.42 -9.52
CA GLU A 216 -12.66 -3.34 -8.84
C GLU A 216 -12.32 -2.82 -7.45
N VAL A 217 -12.41 -3.70 -6.45
CA VAL A 217 -12.14 -3.32 -5.07
C VAL A 217 -10.87 -4.01 -4.58
N ARG A 218 -9.76 -3.79 -5.28
CA ARG A 218 -8.47 -4.32 -4.86
C ARG A 218 -7.38 -3.37 -5.31
N LEU A 219 -6.20 -3.50 -4.66
CA LEU A 219 -5.09 -2.59 -4.91
C LEU A 219 -4.20 -3.01 -6.07
N SER A 220 -4.18 -4.30 -6.43
CA SER A 220 -3.46 -4.80 -7.60
C SER A 220 -1.98 -4.40 -7.55
N ASP A 221 -1.37 -4.53 -6.36
CA ASP A 221 0.08 -4.38 -6.19
C ASP A 221 0.55 -2.96 -6.47
N PHE A 222 -0.22 -1.96 -6.00
CA PHE A 222 0.07 -0.55 -6.22
C PHE A 222 0.20 0.17 -4.89
N LEU A 223 1.39 0.73 -4.62
CA LEU A 223 1.61 1.59 -3.48
C LEU A 223 1.09 0.96 -2.18
N LEU A 224 1.42 -0.32 -1.98
CA LEU A 224 0.92 -1.05 -0.81
C LEU A 224 1.48 -0.45 0.47
N TRP A 225 2.79 -0.18 0.48
CA TRP A 225 3.42 0.47 1.62
C TRP A 225 2.94 1.90 1.78
N GLN A 226 2.88 2.65 0.68
CA GLN A 226 2.57 4.08 0.74
C GLN A 226 1.12 4.35 1.14
N THR A 227 0.18 3.45 0.86
CA THR A 227 -1.24 3.77 1.10
C THR A 227 -1.81 3.07 2.32
N SER A 228 -0.96 2.63 3.26
CA SER A 228 -1.45 1.89 4.41
C SER A 228 -2.40 2.72 5.27
N HIS A 229 -2.27 4.05 5.23
CA HIS A 229 -3.13 4.94 6.00
C HIS A 229 -3.83 5.94 5.09
N SER A 230 -3.84 5.68 3.79
CA SER A 230 -4.51 6.53 2.83
C SER A 230 -6.00 6.24 2.76
N CYS A 231 -6.78 7.30 2.55
CA CYS A 231 -8.19 7.15 2.19
C CYS A 231 -8.32 6.38 0.88
N LEU A 232 -9.06 5.28 0.92
CA LEU A 232 -9.26 4.43 -0.26
C LEU A 232 -10.63 4.72 -0.85
N VAL A 233 -10.67 5.05 -2.15
CA VAL A 233 -11.91 5.35 -2.84
C VAL A 233 -12.01 4.48 -4.08
N PHE A 234 -13.04 3.63 -4.13
CA PHE A 234 -13.31 2.78 -5.28
C PHE A 234 -14.58 3.27 -5.95
N GLN A 235 -14.46 3.72 -7.19
CA GLN A 235 -15.58 4.30 -7.92
C GLN A 235 -15.89 3.45 -9.14
N PRO A 236 -17.17 3.15 -9.41
CA PRO A 236 -17.49 2.25 -10.53
C PRO A 236 -17.17 2.83 -11.90
N VAL A 237 -17.07 4.16 -12.03
CA VAL A 237 -16.89 4.77 -13.34
C VAL A 237 -15.67 4.18 -14.04
N LEU A 238 -15.76 4.03 -15.36
CA LEU A 238 -14.62 3.62 -16.18
C LEU A 238 -13.67 4.78 -16.33
N TRP A 239 -12.36 4.49 -16.29
CA TRP A 239 -11.36 5.56 -16.23
C TRP A 239 -11.51 6.57 -17.36
N PRO A 240 -11.66 6.23 -18.63
CA PRO A 240 -11.80 7.24 -19.67
C PRO A 240 -13.04 8.11 -19.51
N GLU A 241 -13.98 7.72 -18.65
CA GLU A 241 -15.18 8.50 -18.38
C GLU A 241 -15.05 9.34 -17.11
N TYR A 242 -13.87 9.35 -16.49
CA TYR A 242 -13.70 10.10 -15.25
C TYR A 242 -14.09 11.56 -15.45
N THR A 243 -14.83 12.10 -14.49
CA THR A 243 -15.24 13.49 -14.50
C THR A 243 -14.64 14.22 -13.30
N PHE A 244 -14.69 15.55 -13.38
CA PHE A 244 -14.36 16.37 -12.22
C PHE A 244 -15.13 15.93 -10.99
N TRP A 245 -16.40 15.56 -11.16
CA TRP A 245 -17.25 15.23 -10.02
C TRP A 245 -16.87 13.90 -9.37
N ASN A 246 -16.40 12.92 -10.15
CA ASN A 246 -15.81 11.74 -9.52
C ASN A 246 -14.61 12.14 -8.66
N LEU A 247 -13.75 13.03 -9.18
CA LEU A 247 -12.63 13.52 -8.39
C LEU A 247 -13.12 14.24 -7.16
N PHE A 248 -14.15 15.09 -7.33
CA PHE A 248 -14.72 15.83 -6.22
C PHE A 248 -15.24 14.89 -5.14
N GLU A 249 -16.02 13.88 -5.55
CA GLU A 249 -16.53 12.89 -4.61
C GLU A 249 -15.40 12.24 -3.81
N ALA A 250 -14.29 11.92 -4.48
CA ALA A 250 -13.17 11.30 -3.79
C ALA A 250 -12.57 12.23 -2.76
N ILE A 251 -12.40 13.50 -3.12
CA ILE A 251 -11.90 14.48 -2.15
C ILE A 251 -12.86 14.60 -0.97
N LEU A 252 -14.17 14.61 -1.27
CA LEU A 252 -15.17 14.62 -0.20
C LEU A 252 -15.02 13.42 0.73
N GLN A 253 -14.82 12.23 0.15
CA GLN A 253 -14.57 11.05 0.97
C GLN A 253 -13.35 11.25 1.86
N PHE A 254 -12.30 11.86 1.32
CA PHE A 254 -11.10 12.10 2.11
C PHE A 254 -11.38 13.05 3.26
N GLN A 255 -12.17 14.11 3.01
CA GLN A 255 -12.44 15.08 4.08
C GLN A 255 -13.25 14.46 5.20
N MET A 256 -14.15 13.54 4.87
CA MET A 256 -14.95 12.91 5.91
C MET A 256 -14.12 11.94 6.73
N ASN A 257 -13.11 11.33 6.11
CA ASN A 257 -12.24 10.40 6.83
C ASN A 257 -11.11 11.10 7.55
N HIS A 258 -10.88 12.40 7.28
CA HIS A 258 -9.58 12.98 7.56
C HIS A 258 -9.25 13.00 9.05
N SER A 259 -10.24 13.32 9.90
CA SER A 259 -9.94 13.46 11.32
C SER A 259 -9.55 12.12 11.94
N VAL A 260 -10.34 11.07 11.67
CA VAL A 260 -9.99 9.74 12.15
C VAL A 260 -8.65 9.29 11.56
N LEU A 261 -8.52 9.38 10.23
CA LEU A 261 -7.31 8.93 9.56
C LEU A 261 -6.07 9.66 10.07
N GLN A 262 -6.20 10.97 10.32
CA GLN A 262 -5.06 11.71 10.86
C GLN A 262 -4.69 11.17 12.23
N LYS A 263 -5.66 11.06 13.13
CA LYS A 263 -5.38 10.59 14.49
C LYS A 263 -4.77 9.19 14.47
N ALA A 264 -5.32 8.30 13.64
CA ALA A 264 -4.74 6.96 13.54
C ALA A 264 -3.32 7.02 13.00
N ARG A 265 -3.11 7.79 11.93
CA ARG A 265 -1.76 8.00 11.41
CA ARG A 265 -1.76 7.99 11.41
C ARG A 265 -0.83 8.54 12.48
N ASP A 266 -1.30 9.52 13.26
CA ASP A 266 -0.47 10.11 14.32
C ASP A 266 -0.24 9.13 15.47
N MET A 267 -1.27 8.37 15.85
CA MET A 267 -1.12 7.39 16.92
C MET A 267 -0.15 6.28 16.52
N TYR A 268 -0.21 5.87 15.25
CA TYR A 268 0.73 4.85 14.77
C TYR A 268 2.16 5.36 14.84
N ALA A 269 2.39 6.61 14.42
CA ALA A 269 3.75 7.14 14.41
C ALA A 269 4.29 7.32 15.82
N GLU A 270 3.45 7.77 16.76
CA GLU A 270 3.91 7.91 18.13
C GLU A 270 4.20 6.54 18.74
N GLU A 271 3.40 5.53 18.39
CA GLU A 271 3.64 4.21 18.96
C GLU A 271 4.92 3.60 18.40
N ARG A 272 5.20 3.81 17.12
CA ARG A 272 6.44 3.31 16.54
C ARG A 272 7.65 3.97 17.19
N LYS A 273 7.61 5.29 17.39
CA LYS A 273 8.72 5.97 18.05
C LYS A 273 8.86 5.50 19.49
N ARG A 274 7.73 5.30 20.18
CA ARG A 274 7.78 4.78 21.54
C ARG A 274 8.49 3.44 21.60
N GLN A 275 8.09 2.50 20.73
CA GLN A 275 8.70 1.18 20.72
C GLN A 275 10.15 1.23 20.27
N GLN A 276 10.50 2.16 19.37
CA GLN A 276 11.89 2.33 18.99
C GLN A 276 12.72 2.82 20.16
N LEU A 277 12.16 3.72 20.98
CA LEU A 277 12.88 4.16 22.16
C LEU A 277 13.05 3.01 23.16
N GLU A 278 11.98 2.24 23.37
CA GLU A 278 12.08 1.07 24.26
C GLU A 278 13.16 0.11 23.78
N ARG A 279 13.22 -0.13 22.47
CA ARG A 279 14.21 -1.05 21.91
C ARG A 279 15.63 -0.53 22.11
N ASP A 280 15.83 0.76 21.84
CA ASP A 280 17.16 1.35 22.02
C ASP A 280 17.57 1.35 23.49
N GLN A 281 16.64 1.64 24.41
CA GLN A 281 16.95 1.55 25.83
C GLN A 281 17.35 0.13 26.23
N ALA A 282 16.69 -0.88 25.65
CA ALA A 282 17.01 -2.27 25.98
C ALA A 282 18.39 -2.65 25.45
N THR A 283 18.71 -2.21 24.23
CA THR A 283 20.06 -2.37 23.71
C THR A 283 21.11 -1.78 24.64
N VAL A 284 20.92 -0.51 25.03
CA VAL A 284 21.87 0.15 25.93
C VAL A 284 21.96 -0.60 27.25
N THR A 285 20.82 -1.10 27.75
CA THR A 285 20.84 -1.87 29.00
C THR A 285 21.67 -3.14 28.85
N GLU A 286 21.48 -3.86 27.73
CA GLU A 286 22.20 -5.12 27.54
C GLU A 286 23.70 -4.88 27.46
N GLN A 287 24.11 -3.86 26.70
CA GLN A 287 25.53 -3.53 26.62
C GLN A 287 26.07 -3.11 27.98
N LEU A 288 25.21 -2.59 28.86
CA LEU A 288 25.67 -2.07 30.14
C LEU A 288 25.77 -3.16 31.20
N LEU A 289 24.86 -4.15 31.19
CA LEU A 289 24.98 -5.26 32.13
C LEU A 289 26.02 -6.28 31.68
N ARG A 290 26.20 -6.45 30.37
CA ARG A 290 27.49 -6.85 29.85
C ARG A 290 28.49 -5.75 30.24
N GLU A 291 29.75 -6.14 30.44
CA GLU A 291 30.67 -5.31 31.22
C GLU A 291 30.11 -5.20 32.64
N GLY A 292 30.70 -4.33 33.47
CA GLY A 292 30.26 -4.23 34.84
C GLY A 292 29.50 -2.98 35.19
N LEU A 293 29.10 -2.17 34.23
CA LEU A 293 28.53 -0.86 34.50
C LEU A 293 27.07 -0.98 34.96
N GLN A 294 26.50 0.13 35.39
CA GLN A 294 25.13 0.18 35.87
C GLN A 294 24.30 1.13 35.01
N ALA A 295 22.98 1.12 35.23
CA ALA A 295 22.05 1.84 34.38
C ALA A 295 21.41 3.06 35.03
N SER A 296 21.52 3.22 36.35
CA SER A 296 20.83 4.28 37.06
C SER A 296 21.82 5.17 37.80
N GLY A 297 22.93 5.51 37.15
CA GLY A 297 23.96 6.31 37.79
C GLY A 297 23.77 7.80 37.63
N ASP A 298 24.25 8.56 38.63
CA ASP A 298 24.34 10.01 38.49
C ASP A 298 25.17 10.41 37.28
N ALA A 299 26.12 9.56 36.87
CA ALA A 299 26.94 9.84 35.71
C ALA A 299 26.12 9.90 34.42
N GLN A 300 24.87 9.41 34.45
CA GLN A 300 23.99 9.43 33.28
C GLN A 300 24.64 8.68 32.11
N LEU A 301 25.29 7.57 32.44
CA LEU A 301 25.96 6.75 31.44
C LEU A 301 24.97 6.23 30.40
N ARG A 302 23.85 5.66 30.87
CA ARG A 302 22.81 5.21 29.96
C ARG A 302 22.41 6.31 28.99
N ARG A 303 22.25 7.53 29.49
CA ARG A 303 21.76 8.60 28.64
C ARG A 303 22.82 9.03 27.62
N THR A 304 24.09 9.06 28.02
CA THR A 304 25.15 9.34 27.05
C THR A 304 25.24 8.23 25.99
N ARG A 305 25.18 6.96 26.41
CA ARG A 305 25.24 5.87 25.44
C ARG A 305 24.02 5.84 24.52
N LEU A 306 22.84 6.21 25.04
CA LEU A 306 21.64 6.26 24.20
C LEU A 306 21.76 7.36 23.15
N HIS A 307 22.32 8.51 23.51
CA HIS A 307 22.50 9.60 22.55
C HIS A 307 23.53 9.23 21.49
N LYS A 308 24.61 8.57 21.88
CA LYS A 308 25.62 8.18 20.89
C LYS A 308 25.09 7.10 19.97
N LEU A 309 24.34 6.14 20.50
CA LEU A 309 23.75 5.09 19.67
C LEU A 309 22.88 5.69 18.57
N SER A 310 22.04 6.66 18.94
CA SER A 310 21.12 7.25 17.97
C SER A 310 21.83 8.23 17.05
N ALA A 311 22.84 8.94 17.55
CA ALA A 311 23.56 9.88 16.69
C ALA A 311 24.39 9.15 15.64
N ARG A 312 25.06 8.06 16.03
CA ARG A 312 25.85 7.31 15.06
C ARG A 312 24.94 6.66 14.02
N ARG A 313 23.78 6.19 14.44
CA ARG A 313 22.82 5.64 13.49
C ARG A 313 22.41 6.69 12.48
N GLU A 314 22.04 7.88 12.95
CA GLU A 314 21.62 8.95 12.05
C GLU A 314 22.75 9.40 11.14
N GLU A 315 23.98 9.42 11.66
CA GLU A 315 25.11 9.77 10.82
C GLU A 315 25.33 8.73 9.73
N ARG A 316 25.23 7.45 10.07
CA ARG A 316 25.41 6.39 9.08
C ARG A 316 24.29 6.42 8.03
N VAL A 317 23.06 6.74 8.45
CA VAL A 317 21.94 6.81 7.52
C VAL A 317 22.12 7.95 6.53
N GLN A 318 22.47 9.13 7.05
CA GLN A 318 22.68 10.29 6.18
C GLN A 318 23.76 10.00 5.15
N GLY A 319 24.81 9.27 5.55
CA GLY A 319 25.85 8.91 4.59
C GLY A 319 25.35 7.94 3.55
N PHE A 320 24.55 6.96 3.96
CA PHE A 320 24.00 5.98 3.04
C PHE A 320 23.05 6.65 2.03
N LEU A 321 22.13 7.48 2.54
CA LEU A 321 21.19 8.17 1.64
C LEU A 321 21.93 9.00 0.60
N GLN A 322 22.95 9.75 1.02
CA GLN A 322 23.74 10.54 0.07
C GLN A 322 24.39 9.65 -0.99
N ALA A 323 24.94 8.51 -0.59
CA ALA A 323 25.53 7.59 -1.56
C ALA A 323 24.46 6.98 -2.46
N LEU A 324 23.30 6.64 -1.89
CA LEU A 324 22.20 6.13 -2.70
C LEU A 324 21.75 7.17 -3.73
N GLU A 325 21.66 8.43 -3.32
CA GLU A 325 21.27 9.48 -4.25
C GLU A 325 22.32 9.68 -5.33
N LEU A 326 23.60 9.52 -4.99
CA LEU A 326 24.65 9.63 -5.99
C LEU A 326 24.59 8.46 -6.97
N LYS A 327 24.32 7.26 -6.48
CA LYS A 327 24.16 6.12 -7.38
C LYS A 327 22.93 6.29 -8.26
N ARG A 328 21.83 6.79 -7.69
CA ARG A 328 20.60 6.94 -8.46
C ARG A 328 20.75 8.03 -9.53
N ALA A 329 21.50 9.09 -9.22
CA ALA A 329 21.70 10.16 -10.19
C ALA A 329 22.62 9.72 -11.31
N ASP A 330 23.58 8.84 -11.00
CA ASP A 330 24.51 8.30 -11.99
C ASP A 330 23.76 7.52 -13.07
N TRP A 331 23.70 8.06 -14.29
CA TRP A 331 22.94 7.40 -15.36
C TRP A 331 23.41 7.90 -16.71
N LEU A 332 23.90 6.97 -17.55
CA LEU A 332 24.11 7.28 -18.96
C LEU A 332 22.80 7.70 -19.61
N ALA A 333 21.76 6.89 -19.44
CA ALA A 333 20.39 7.24 -19.84
C ALA A 333 19.42 6.21 -19.26
N ALA B 14 -28.97 -32.30 15.39
CA ALA B 14 -29.14 -30.92 14.94
C ALA B 14 -27.79 -30.25 14.74
N ALA B 15 -26.82 -30.64 15.57
CA ALA B 15 -25.46 -30.15 15.37
C ALA B 15 -24.92 -30.59 14.02
N ALA B 16 -25.16 -31.85 13.65
CA ALA B 16 -24.74 -32.32 12.32
C ALA B 16 -25.53 -31.64 11.21
N HIS B 17 -26.77 -31.24 11.50
CA HIS B 17 -27.57 -30.53 10.51
C HIS B 17 -27.01 -29.14 10.25
N HIS B 18 -26.64 -28.42 11.31
CA HIS B 18 -26.04 -27.11 11.15
C HIS B 18 -24.73 -27.20 10.35
N ARG B 19 -23.89 -28.17 10.69
CA ARG B 19 -22.64 -28.36 9.97
C ARG B 19 -22.90 -28.58 8.48
N MET B 20 -23.87 -29.42 8.15
CA MET B 20 -24.15 -29.72 6.75
C MET B 20 -24.61 -28.47 6.00
N ARG B 21 -25.42 -27.64 6.65
CA ARG B 21 -25.92 -26.43 6.00
C ARG B 21 -24.78 -25.49 5.67
N TRP B 22 -23.91 -25.22 6.64
CA TRP B 22 -22.79 -24.32 6.40
C TRP B 22 -21.85 -24.88 5.34
N ARG B 23 -21.67 -26.21 5.32
CA ARG B 23 -20.82 -26.82 4.29
C ARG B 23 -21.46 -26.66 2.91
N ALA B 24 -22.76 -26.93 2.80
CA ALA B 24 -23.46 -26.71 1.55
C ALA B 24 -23.37 -25.25 1.12
N ASP B 25 -23.47 -24.32 2.08
CA ASP B 25 -23.39 -22.90 1.74
C ASP B 25 -22.04 -22.56 1.13
N GLY B 26 -20.95 -22.96 1.79
CA GLY B 26 -19.63 -22.68 1.25
C GLY B 26 -19.38 -23.36 -0.07
N ARG B 27 -19.81 -24.63 -0.19
CA ARG B 27 -19.62 -25.39 -1.42
C ARG B 27 -20.44 -24.84 -2.58
N SER B 28 -21.51 -24.10 -2.30
CA SER B 28 -22.36 -23.57 -3.35
C SER B 28 -21.75 -22.37 -4.06
N LEU B 29 -20.81 -21.68 -3.45
CA LEU B 29 -20.26 -20.46 -4.03
C LEU B 29 -19.30 -20.80 -5.16
N GLU B 30 -19.20 -19.89 -6.13
CA GLU B 30 -18.26 -20.12 -7.24
C GLU B 30 -16.84 -20.29 -6.72
N LYS B 31 -16.50 -19.62 -5.62
CA LYS B 31 -15.22 -19.80 -4.97
C LYS B 31 -15.33 -19.30 -3.54
N LEU B 32 -14.44 -19.81 -2.70
CA LEU B 32 -14.32 -19.54 -1.29
C LEU B 32 -12.92 -19.04 -1.01
N PRO B 33 -12.75 -18.05 -0.14
CA PRO B 33 -11.39 -17.63 0.23
C PRO B 33 -10.71 -18.70 1.08
N VAL B 34 -9.47 -19.02 0.71
CA VAL B 34 -8.65 -19.85 1.59
C VAL B 34 -8.32 -19.09 2.87
N HIS B 35 -8.01 -17.80 2.74
CA HIS B 35 -7.59 -16.96 3.85
C HIS B 35 -8.41 -15.68 3.83
N MET B 36 -9.14 -15.43 4.90
CA MET B 36 -9.92 -14.21 5.02
C MET B 36 -9.40 -13.35 6.16
N GLY B 37 -9.40 -12.04 5.93
CA GLY B 37 -9.01 -11.06 6.93
C GLY B 37 -10.21 -10.30 7.41
N LEU B 38 -10.29 -10.06 8.72
CA LEU B 38 -11.34 -9.25 9.33
C LEU B 38 -10.67 -8.00 9.89
N VAL B 39 -10.97 -6.86 9.28
CA VAL B 39 -10.39 -5.58 9.66
C VAL B 39 -11.47 -4.75 10.37
N ILE B 40 -11.24 -4.46 11.64
CA ILE B 40 -12.19 -3.72 12.48
C ILE B 40 -11.67 -2.30 12.63
N THR B 41 -12.35 -1.33 12.02
CA THR B 41 -11.94 0.07 12.08
C THR B 41 -12.69 0.87 13.12
N GLU B 42 -13.78 0.34 13.66
CA GLU B 42 -14.64 1.10 14.57
C GLU B 42 -13.94 1.30 15.91
N VAL B 43 -13.78 2.56 16.31
CA VAL B 43 -13.11 2.91 17.55
C VAL B 43 -14.03 3.57 18.56
N GLU B 44 -15.25 3.96 18.17
CA GLU B 44 -16.16 4.61 19.11
C GLU B 44 -16.55 3.66 20.25
N GLN B 45 -16.82 2.41 19.92
CA GLN B 45 -17.13 1.38 20.90
C GLN B 45 -16.02 0.33 20.91
N GLU B 46 -15.75 -0.22 22.08
CA GLU B 46 -14.86 -1.37 22.16
C GLU B 46 -15.42 -2.49 21.28
N PRO B 47 -14.56 -3.22 20.55
CA PRO B 47 -15.07 -4.30 19.70
C PRO B 47 -15.83 -5.35 20.50
N SER B 48 -16.85 -5.91 19.85
CA SER B 48 -17.69 -6.95 20.44
C SER B 48 -17.07 -8.31 20.15
N PHE B 49 -16.52 -8.94 21.19
CA PHE B 49 -15.81 -10.19 20.98
C PHE B 49 -16.73 -11.31 20.53
N SER B 50 -17.98 -11.32 21.00
CA SER B 50 -18.92 -12.36 20.57
C SER B 50 -19.23 -12.25 19.09
N ASP B 51 -19.32 -11.02 18.56
CA ASP B 51 -19.58 -10.85 17.14
C ASP B 51 -18.37 -11.28 16.29
N ILE B 52 -17.17 -10.91 16.72
CA ILE B 52 -15.98 -11.36 16.00
C ILE B 52 -15.90 -12.88 16.03
N ALA B 53 -16.13 -13.48 17.19
CA ALA B 53 -16.07 -14.92 17.32
C ALA B 53 -17.09 -15.60 16.41
N SER B 54 -18.27 -14.99 16.24
CA SER B 54 -19.27 -15.56 15.34
C SER B 54 -18.74 -15.58 13.92
N LEU B 55 -18.22 -14.45 13.45
CA LEU B 55 -17.63 -14.38 12.12
C LEU B 55 -16.58 -15.47 11.93
N VAL B 56 -15.69 -15.62 12.91
CA VAL B 56 -14.63 -16.61 12.80
C VAL B 56 -15.23 -18.00 12.69
N VAL B 57 -16.20 -18.32 13.55
CA VAL B 57 -16.82 -19.65 13.50
C VAL B 57 -17.54 -19.86 12.18
N TRP B 58 -18.20 -18.82 11.68
CA TRP B 58 -18.85 -18.92 10.37
C TRP B 58 -17.84 -19.26 9.27
N CYS B 59 -16.70 -18.55 9.24
CA CYS B 59 -15.67 -18.88 8.26
C CYS B 59 -15.27 -20.34 8.35
N MET B 60 -14.94 -20.81 9.54
CA MET B 60 -14.52 -22.20 9.69
C MET B 60 -15.62 -23.14 9.25
N ALA B 61 -16.87 -22.82 9.61
CA ALA B 61 -17.99 -23.70 9.28
C ALA B 61 -18.23 -23.80 7.77
N VAL B 62 -18.03 -22.71 7.02
CA VAL B 62 -18.29 -22.76 5.58
C VAL B 62 -17.10 -23.24 4.77
N GLY B 63 -15.92 -23.38 5.38
CA GLY B 63 -14.79 -24.02 4.71
C GLY B 63 -13.55 -23.18 4.51
N ILE B 64 -13.50 -21.99 5.09
CA ILE B 64 -12.34 -21.12 4.93
C ILE B 64 -11.24 -21.57 5.88
N SER B 65 -10.02 -21.69 5.35
CA SER B 65 -8.92 -22.28 6.11
C SER B 65 -8.42 -21.35 7.22
N TYR B 66 -8.12 -20.09 6.87
CA TYR B 66 -7.46 -19.19 7.80
C TYR B 66 -8.25 -17.89 7.93
N ILE B 67 -8.30 -17.37 9.15
CA ILE B 67 -8.96 -16.10 9.46
C ILE B 67 -8.00 -15.26 10.28
N SER B 68 -7.70 -14.07 9.79
CA SER B 68 -6.89 -13.11 10.52
C SER B 68 -7.79 -12.02 11.08
N VAL B 69 -7.68 -11.78 12.38
CA VAL B 69 -8.45 -10.75 13.06
C VAL B 69 -7.51 -9.58 13.36
N TYR B 70 -7.93 -8.37 12.96
CA TYR B 70 -7.05 -7.21 12.97
C TYR B 70 -7.77 -5.97 13.48
N ASP B 71 -7.09 -5.20 14.33
CA ASP B 71 -7.51 -3.82 14.62
C ASP B 71 -6.28 -2.96 14.83
N HIS B 72 -6.35 -1.71 14.36
N HIS B 72 -6.35 -1.71 14.38
CA HIS B 72 -5.19 -0.82 14.35
CA HIS B 72 -5.18 -0.85 14.34
C HIS B 72 -4.68 -0.50 15.74
C HIS B 72 -4.73 -0.38 15.72
N GLN B 73 -5.50 -0.66 16.77
CA GLN B 73 -5.09 -0.30 18.12
C GLN B 73 -4.44 -1.46 18.88
N GLY B 74 -4.43 -2.65 18.30
CA GLY B 74 -3.91 -3.82 19.01
C GLY B 74 -4.82 -4.33 20.10
N ILE B 75 -6.10 -3.97 20.08
CA ILE B 75 -7.02 -4.40 21.13
C ILE B 75 -7.15 -5.91 21.14
N PHE B 76 -7.34 -6.50 19.95
CA PHE B 76 -7.47 -7.95 19.86
C PHE B 76 -6.18 -8.65 20.27
N LYS B 77 -5.03 -8.11 19.86
CA LYS B 77 -3.77 -8.75 20.25
C LYS B 77 -3.53 -8.67 21.76
N ARG B 78 -4.02 -7.61 22.41
CA ARG B 78 -3.88 -7.50 23.86
C ARG B 78 -5.00 -8.19 24.63
N ASN B 79 -5.99 -8.75 23.95
CA ASN B 79 -7.05 -9.53 24.55
C ASN B 79 -7.19 -10.85 23.83
N ASN B 80 -6.05 -11.48 23.54
CA ASN B 80 -6.05 -12.70 22.73
C ASN B 80 -6.85 -13.82 23.41
N SER B 81 -6.65 -14.00 24.72
CA SER B 81 -7.28 -15.13 25.41
C SER B 81 -8.79 -14.98 25.48
N ARG B 82 -9.28 -13.76 25.75
CA ARG B 82 -10.71 -13.53 25.75
C ARG B 82 -11.32 -13.79 24.39
N LEU B 83 -10.58 -13.54 23.31
CA LEU B 83 -11.11 -13.77 21.97
C LEU B 83 -11.16 -15.26 21.64
N MET B 84 -10.09 -15.99 21.96
CA MET B 84 -10.10 -17.44 21.76
C MET B 84 -11.21 -18.10 22.57
N ASP B 85 -11.29 -17.77 23.86
CA ASP B 85 -12.34 -18.33 24.71
C ASP B 85 -13.71 -18.11 24.10
N GLU B 86 -13.96 -16.90 23.59
CA GLU B 86 -15.25 -16.60 22.97
C GLU B 86 -15.44 -17.40 21.68
N ILE B 87 -14.37 -17.57 20.90
CA ILE B 87 -14.45 -18.36 19.68
C ILE B 87 -14.73 -19.82 20.02
N LEU B 88 -14.02 -20.37 21.00
CA LEU B 88 -14.25 -21.75 21.40
C LEU B 88 -15.66 -21.94 21.95
N LYS B 89 -16.15 -20.94 22.70
CA LYS B 89 -17.50 -21.03 23.23
C LYS B 89 -18.53 -21.13 22.12
N GLN B 90 -18.38 -20.34 21.06
CA GLN B 90 -19.41 -20.28 20.03
C GLN B 90 -19.41 -21.52 19.15
N GLN B 91 -18.29 -22.23 19.06
CA GLN B 91 -18.28 -23.50 18.33
C GLN B 91 -19.31 -24.47 18.89
N GLN B 92 -19.44 -24.54 20.21
CA GLN B 92 -20.45 -25.39 20.84
C GLN B 92 -21.87 -24.90 20.53
N ASP B 102 -12.51 -33.73 21.82
CA ASP B 102 -11.56 -33.24 22.81
C ASP B 102 -11.42 -31.73 22.72
N LYS B 103 -11.37 -31.07 23.89
CA LYS B 103 -11.21 -29.63 23.92
C LYS B 103 -9.82 -29.22 23.45
N ASP B 104 -8.81 -30.04 23.74
CA ASP B 104 -7.46 -29.75 23.27
C ASP B 104 -7.40 -29.70 21.75
N ASP B 105 -8.10 -30.62 21.09
CA ASP B 105 -8.09 -30.64 19.64
C ASP B 105 -8.74 -29.39 19.04
N GLN B 106 -9.89 -28.99 19.60
CA GLN B 106 -10.54 -27.76 19.12
C GLN B 106 -9.67 -26.55 19.35
N VAL B 107 -8.96 -26.50 20.49
CA VAL B 107 -8.06 -25.38 20.75
C VAL B 107 -6.92 -25.35 19.75
N LEU B 108 -6.30 -26.51 19.50
CA LEU B 108 -5.24 -26.58 18.50
C LEU B 108 -5.75 -26.17 17.12
N ASN B 109 -6.96 -26.61 16.77
CA ASN B 109 -7.53 -26.24 15.47
C ASN B 109 -7.74 -24.73 15.35
N CYS B 110 -8.30 -24.09 16.39
CA CYS B 110 -8.48 -22.64 16.33
C CYS B 110 -7.13 -21.92 16.23
N HIS B 111 -6.14 -22.39 16.97
CA HIS B 111 -4.81 -21.77 16.90
C HIS B 111 -4.19 -21.92 15.52
N LEU B 112 -4.49 -23.01 14.81
CA LEU B 112 -3.92 -23.17 13.48
C LEU B 112 -4.64 -22.32 12.43
N ALA B 113 -5.93 -22.04 12.65
CA ALA B 113 -6.72 -21.31 11.67
C ALA B 113 -6.75 -19.81 11.93
N VAL B 114 -6.76 -19.39 13.19
CA VAL B 114 -6.98 -17.99 13.57
C VAL B 114 -5.65 -17.33 13.89
N LYS B 115 -5.41 -16.16 13.31
CA LYS B 115 -4.30 -15.30 13.68
C LYS B 115 -4.86 -13.96 14.11
N VAL B 116 -4.38 -13.45 15.24
CA VAL B 116 -4.80 -12.18 15.77
C VAL B 116 -3.68 -11.18 15.48
N LEU B 117 -3.93 -10.23 14.61
CA LEU B 117 -2.90 -9.33 14.11
C LEU B 117 -3.13 -7.91 14.61
N SER B 118 -2.09 -7.09 14.43
CA SER B 118 -2.03 -5.69 14.82
C SER B 118 -1.08 -5.01 13.84
N PRO B 119 -0.90 -3.68 13.91
CA PRO B 119 -0.06 -3.02 12.88
C PRO B 119 1.35 -3.57 12.76
N GLU B 120 1.97 -4.00 13.87
CA GLU B 120 3.34 -4.48 13.82
C GLU B 120 3.51 -5.66 12.88
N ASP B 121 2.41 -6.36 12.55
CA ASP B 121 2.49 -7.51 11.67
C ASP B 121 2.63 -7.13 10.22
N GLY B 122 2.50 -5.84 9.89
CA GLY B 122 2.67 -5.37 8.52
C GLY B 122 4.05 -4.79 8.28
N LYS B 123 4.13 -3.46 8.25
CA LYS B 123 5.40 -2.81 7.92
C LYS B 123 6.52 -3.20 8.88
N ALA B 124 6.23 -3.26 10.19
CA ALA B 124 7.28 -3.55 11.15
C ALA B 124 7.88 -4.94 10.93
N ASP B 125 7.11 -5.85 10.34
CA ASP B 125 7.61 -7.20 10.08
C ASP B 125 8.35 -7.29 8.76
N ILE B 126 7.97 -6.46 7.77
CA ILE B 126 8.81 -6.31 6.59
C ILE B 126 10.18 -5.77 6.98
N VAL B 127 10.21 -4.81 7.91
CA VAL B 127 11.48 -4.28 8.40
C VAL B 127 12.29 -5.37 9.10
N ARG B 128 11.62 -6.21 9.89
CA ARG B 128 12.31 -7.28 10.59
C ARG B 128 12.97 -8.24 9.61
N ALA B 129 12.26 -8.58 8.53
CA ALA B 129 12.83 -9.44 7.50
C ALA B 129 14.02 -8.79 6.82
N ALA B 130 13.93 -7.49 6.54
CA ALA B 130 15.05 -6.79 5.91
C ALA B 130 16.25 -6.73 6.83
N GLN B 131 16.03 -6.58 8.15
CA GLN B 131 17.13 -6.63 9.09
C GLN B 131 17.79 -8.00 9.06
N ASP B 132 16.99 -9.07 9.10
CA ASP B 132 17.52 -10.42 9.06
C ASP B 132 18.33 -10.66 7.79
N PHE B 133 17.86 -10.16 6.65
CA PHE B 133 18.59 -10.37 5.40
C PHE B 133 19.91 -9.60 5.40
N CYS B 134 19.85 -8.32 5.78
CA CYS B 134 21.05 -7.49 5.83
C CYS B 134 22.09 -8.06 6.79
N GLN B 135 21.65 -8.70 7.87
CA GLN B 135 22.57 -9.35 8.78
C GLN B 135 23.26 -10.52 8.10
N LEU B 136 22.54 -11.24 7.23
CA LEU B 136 23.15 -12.31 6.47
C LEU B 136 24.16 -11.77 5.47
N VAL B 137 23.86 -10.61 4.86
CA VAL B 137 24.85 -9.94 4.03
C VAL B 137 26.08 -9.58 4.87
N ALA B 138 25.84 -9.06 6.07
CA ALA B 138 26.94 -8.67 6.96
C ALA B 138 27.81 -9.87 7.33
N GLN B 139 27.19 -11.04 7.48
CA GLN B 139 27.90 -12.26 7.81
C GLN B 139 28.40 -12.99 6.58
N LYS B 140 28.42 -12.33 5.42
CA LYS B 140 28.93 -12.90 4.18
C LYS B 140 28.18 -14.14 3.74
N GLN B 141 26.94 -14.32 4.22
CA GLN B 141 26.15 -15.49 3.84
C GLN B 141 25.29 -15.25 2.62
N LYS B 142 24.95 -13.99 2.34
CA LYS B 142 24.08 -13.67 1.22
C LYS B 142 24.57 -12.38 0.58
N ARG B 143 24.18 -12.20 -0.67
CA ARG B 143 24.46 -11.04 -1.48
C ARG B 143 23.19 -10.19 -1.62
N PRO B 144 23.32 -8.86 -1.74
CA PRO B 144 22.11 -8.04 -1.94
C PRO B 144 21.25 -8.50 -3.12
N THR B 145 21.86 -8.95 -4.21
CA THR B 145 21.12 -9.44 -5.36
C THR B 145 20.34 -10.73 -5.06
N ASP B 146 20.62 -11.40 -3.93
CA ASP B 146 19.87 -12.60 -3.58
C ASP B 146 18.43 -12.27 -3.18
N LEU B 147 18.19 -11.06 -2.70
CA LEU B 147 16.86 -10.67 -2.22
C LEU B 147 15.98 -10.35 -3.41
N ASP B 148 15.07 -11.26 -3.73
CA ASP B 148 14.03 -11.01 -4.74
C ASP B 148 12.66 -11.06 -4.05
N VAL B 149 11.59 -10.97 -4.84
CA VAL B 149 10.25 -10.92 -4.27
C VAL B 149 9.95 -12.22 -3.53
N ASP B 150 10.22 -13.36 -4.16
CA ASP B 150 9.94 -14.66 -3.55
C ASP B 150 10.69 -14.81 -2.24
N THR B 151 11.99 -14.51 -2.22
CA THR B 151 12.77 -14.68 -1.00
C THR B 151 12.36 -13.71 0.09
N LEU B 152 11.95 -12.49 -0.27
CA LEU B 152 11.41 -11.58 0.74
C LEU B 152 10.17 -12.16 1.40
N ALA B 153 9.26 -12.73 0.60
CA ALA B 153 8.09 -13.39 1.18
C ALA B 153 8.49 -14.56 2.07
N SER B 154 9.59 -15.25 1.75
CA SER B 154 10.02 -16.37 2.57
C SER B 154 10.44 -15.91 3.97
N LEU B 155 10.88 -14.66 4.10
CA LEU B 155 11.37 -14.13 5.37
C LEU B 155 10.27 -13.49 6.22
N LEU B 156 9.02 -13.50 5.75
CA LEU B 156 8.01 -12.53 6.13
C LEU B 156 7.10 -12.97 7.28
N SER B 157 7.50 -13.96 8.08
CA SER B 157 6.75 -14.31 9.29
C SER B 157 5.39 -14.93 8.98
N SER B 158 4.85 -14.65 7.79
CA SER B 158 3.73 -15.38 7.22
C SER B 158 4.19 -16.45 6.24
N ASN B 159 5.38 -17.01 6.47
CA ASN B 159 6.10 -17.75 5.43
C ASN B 159 5.25 -18.90 4.89
N GLY B 160 4.79 -19.80 5.74
CA GLY B 160 4.03 -20.93 5.25
C GLY B 160 2.57 -20.69 4.93
N CYS B 161 2.07 -19.47 5.10
CA CYS B 161 0.64 -19.23 5.00
C CYS B 161 0.28 -18.52 3.70
N PRO B 162 -0.87 -18.84 3.10
CA PRO B 162 -1.31 -18.08 1.91
C PRO B 162 -1.72 -16.67 2.26
N ASP B 163 -1.56 -15.78 1.28
CA ASP B 163 -2.00 -14.40 1.44
C ASP B 163 -3.53 -14.33 1.56
N PRO B 164 -4.05 -13.29 2.22
CA PRO B 164 -5.52 -13.15 2.33
C PRO B 164 -6.17 -12.97 0.95
N ASP B 165 -7.16 -13.81 0.67
CA ASP B 165 -7.95 -13.68 -0.56
C ASP B 165 -8.98 -12.58 -0.44
N LEU B 166 -9.54 -12.41 0.75
CA LEU B 166 -10.66 -11.52 0.98
C LEU B 166 -10.45 -10.83 2.32
N VAL B 167 -10.63 -9.51 2.34
CA VAL B 167 -10.68 -8.75 3.58
C VAL B 167 -12.10 -8.22 3.74
N LEU B 168 -12.71 -8.51 4.88
CA LEU B 168 -13.94 -7.87 5.30
C LEU B 168 -13.57 -6.71 6.21
N LYS B 169 -13.86 -5.49 5.76
CA LYS B 169 -13.60 -4.29 6.53
C LYS B 169 -14.88 -3.81 7.19
N PHE B 170 -14.84 -3.60 8.49
CA PHE B 170 -15.99 -3.16 9.25
C PHE B 170 -15.79 -1.75 9.76
N GLY B 171 -16.84 -0.96 9.71
CA GLY B 171 -16.79 0.37 10.27
C GLY B 171 -16.71 1.44 9.19
N PRO B 172 -16.57 2.70 9.61
CA PRO B 172 -16.68 3.83 8.68
C PRO B 172 -15.37 4.34 8.13
N VAL B 173 -14.23 3.72 8.45
CA VAL B 173 -12.95 4.23 7.98
C VAL B 173 -12.62 3.56 6.65
N ASP B 174 -12.43 4.38 5.62
CA ASP B 174 -12.06 3.91 4.28
C ASP B 174 -10.54 3.74 4.17
N SER B 175 -10.02 2.84 4.99
CA SER B 175 -8.58 2.59 5.02
C SER B 175 -8.34 1.19 5.53
N THR B 176 -7.27 0.57 5.04
CA THR B 176 -6.81 -0.70 5.60
C THR B 176 -6.02 -0.49 6.90
N LEU B 177 -5.70 0.75 7.24
CA LEU B 177 -5.11 1.11 8.53
C LEU B 177 -3.91 0.23 8.89
N GLY B 178 -3.06 -0.01 7.89
CA GLY B 178 -1.82 -0.73 8.15
C GLY B 178 -1.92 -2.24 8.13
N PHE B 179 -3.07 -2.79 7.73
CA PHE B 179 -3.23 -4.24 7.66
C PHE B 179 -2.38 -4.81 6.53
N LEU B 180 -1.47 -5.74 6.88
CA LEU B 180 -0.57 -6.52 6.02
C LEU B 180 -0.36 -5.93 4.63
N PRO B 181 0.30 -4.76 4.52
CA PRO B 181 0.46 -4.13 3.19
C PRO B 181 1.04 -5.04 2.13
N TRP B 182 2.10 -5.79 2.44
CA TRP B 182 2.70 -6.68 1.45
C TRP B 182 1.72 -7.73 0.95
N HIS B 183 0.84 -8.19 1.84
CA HIS B 183 0.02 -9.37 1.57
C HIS B 183 -1.29 -9.07 0.86
N ILE B 184 -1.69 -7.80 0.78
CA ILE B 184 -2.99 -7.48 0.20
C ILE B 184 -2.87 -6.98 -1.23
N ARG B 185 -1.81 -7.37 -1.94
CA ARG B 185 -1.63 -6.90 -3.31
C ARG B 185 -2.78 -7.31 -4.22
N LEU B 186 -3.38 -8.48 -3.99
CA LEU B 186 -4.48 -8.94 -4.82
C LEU B 186 -5.77 -9.13 -4.03
N THR B 187 -5.78 -8.79 -2.75
CA THR B 187 -6.92 -9.09 -1.88
C THR B 187 -8.14 -8.27 -2.28
N GLU B 188 -9.29 -8.94 -2.37
CA GLU B 188 -10.56 -8.25 -2.56
C GLU B 188 -10.99 -7.63 -1.23
N ILE B 189 -11.40 -6.37 -1.27
CA ILE B 189 -11.74 -5.62 -0.06
C ILE B 189 -13.23 -5.31 -0.12
N VAL B 190 -14.03 -6.04 0.67
CA VAL B 190 -15.46 -5.81 0.82
C VAL B 190 -15.68 -5.07 2.14
N SER B 191 -16.50 -4.03 2.12
CA SER B 191 -16.72 -3.17 3.29
C SER B 191 -18.12 -3.37 3.84
N LEU B 192 -18.22 -3.53 5.15
CA LEU B 192 -19.49 -3.57 5.83
C LEU B 192 -19.55 -2.44 6.86
N PRO B 193 -20.74 -1.86 7.08
CA PRO B 193 -20.80 -0.70 7.98
C PRO B 193 -20.46 -1.02 9.43
N SER B 194 -20.77 -2.22 9.91
CA SER B 194 -20.50 -2.51 11.31
C SER B 194 -20.46 -4.02 11.53
N HIS B 195 -19.70 -4.43 12.53
CA HIS B 195 -19.68 -5.81 12.97
C HIS B 195 -20.54 -6.04 14.20
N LEU B 196 -21.23 -5.00 14.69
CA LEU B 196 -21.74 -4.99 16.06
C LEU B 196 -22.87 -5.97 16.31
N ASN B 197 -23.71 -6.24 15.32
CA ASN B 197 -24.72 -7.29 15.47
C ASN B 197 -24.80 -8.06 14.17
N ILE B 198 -23.64 -8.56 13.75
CA ILE B 198 -23.50 -9.07 12.40
C ILE B 198 -24.33 -10.34 12.24
N SER B 199 -25.06 -10.43 11.14
CA SER B 199 -25.88 -11.57 10.81
C SER B 199 -25.15 -12.50 9.86
N TYR B 200 -25.53 -13.79 9.90
CA TYR B 200 -24.96 -14.75 8.97
C TYR B 200 -25.28 -14.36 7.52
N GLU B 201 -26.49 -13.84 7.27
CA GLU B 201 -26.84 -13.41 5.92
C GLU B 201 -25.92 -12.28 5.45
N ASP B 202 -25.61 -11.32 6.32
CA ASP B 202 -24.71 -10.24 5.95
C ASP B 202 -23.32 -10.78 5.63
N PHE B 203 -22.85 -11.72 6.44
CA PHE B 203 -21.55 -12.34 6.19
C PHE B 203 -21.57 -13.13 4.88
N PHE B 204 -22.64 -13.89 4.64
CA PHE B 204 -22.67 -14.69 3.42
C PHE B 204 -22.81 -13.82 2.18
N SER B 205 -23.53 -12.70 2.30
CA SER B 205 -23.61 -11.74 1.19
C SER B 205 -22.22 -11.31 0.76
N ALA B 206 -21.33 -11.06 1.72
CA ALA B 206 -19.96 -10.70 1.37
C ALA B 206 -19.28 -11.83 0.63
N LEU B 207 -19.45 -13.07 1.10
CA LEU B 207 -18.87 -14.23 0.42
C LEU B 207 -19.38 -14.32 -1.01
N ARG B 208 -20.68 -14.11 -1.22
CA ARG B 208 -21.24 -14.13 -2.58
C ARG B 208 -20.57 -13.06 -3.44
N GLN B 209 -20.30 -11.89 -2.86
CA GLN B 209 -19.61 -10.84 -3.60
C GLN B 209 -18.20 -11.27 -3.97
N TYR B 210 -17.48 -11.86 -3.02
CA TYR B 210 -16.14 -12.34 -3.32
C TYR B 210 -16.17 -13.43 -4.38
N ALA B 211 -17.15 -14.35 -4.28
CA ALA B 211 -17.25 -15.44 -5.25
C ALA B 211 -17.48 -14.92 -6.67
N ALA B 212 -18.09 -13.74 -6.81
CA ALA B 212 -18.37 -13.20 -8.12
C ALA B 212 -17.21 -12.41 -8.71
N CYS B 213 -16.11 -12.24 -7.97
CA CYS B 213 -14.95 -11.47 -8.43
C CYS B 213 -14.15 -12.26 -9.45
N GLU B 214 -13.62 -11.55 -10.43
CA GLU B 214 -12.76 -12.14 -11.45
C GLU B 214 -11.39 -11.48 -11.39
N GLN B 215 -10.36 -12.27 -11.12
CA GLN B 215 -8.99 -11.77 -11.06
C GLN B 215 -8.31 -12.15 -12.38
N ARG B 216 -7.97 -11.14 -13.17
CA ARG B 216 -7.28 -11.35 -14.44
C ARG B 216 -5.77 -11.30 -14.31
N LEU B 217 -5.25 -10.90 -13.15
CA LEU B 217 -3.81 -10.97 -12.86
C LEU B 217 -2.98 -10.24 -13.90
N GLY B 218 -3.45 -9.07 -14.33
CA GLY B 218 -2.72 -8.27 -15.29
C GLY B 218 -3.14 -8.46 -16.73
N LYS B 219 -3.77 -9.59 -17.05
CA LYS B 219 -4.18 -9.88 -18.42
C LYS B 219 -5.45 -9.15 -18.82
#